data_6DWQ
#
_entry.id   6DWQ
#
_cell.length_a   67.926
_cell.length_b   67.926
_cell.length_c   123.481
_cell.angle_alpha   90.00
_cell.angle_beta   90.00
_cell.angle_gamma   120.00
#
_symmetry.space_group_name_H-M   'P 32 2 1'
#
loop_
_entity.id
_entity.type
_entity.pdbx_description
1 polymer KerA
2 non-polymer 1,2-ETHANEDIOL
3 non-polymer 'NITRATE ION'
4 non-polymer 'CALCIUM ION'
5 water water
#
_entity_poly.entity_id   1
_entity_poly.type   'polypeptide(L)'
_entity_poly.pdbx_seq_one_letter_code
;AQTVPYGIPLIKADKVQAQGFKGANVKVAVLDTGIQASHPDLNVVGGASFVAGEAYNTDGNGHGTHVAGTVAALDNTTGV
LGVAPSVSLYAVKVLNSSGSGSYSGIVSGIEWATTNGMDVINMSLGGASGSTAMKQAVDNAYARGVVVVAAAGNSGNSG
(OSE)TNTIGYPAKYDSVIAVGAVDSNSNRASFSSVGAELEVMAPGAGVYSTYPTNTYATLNGT(P5U)MASPHVAGAAA
LILSKHPNLSASQVRNRLSSTATYLGSSFYYGKGLINVEAAAQ
;
_entity_poly.pdbx_strand_id   A
#
loop_
_chem_comp.id
_chem_comp.type
_chem_comp.name
_chem_comp.formula
CA non-polymer 'CALCIUM ION' 'Ca 2'
EDO non-polymer 1,2-ETHANEDIOL 'C2 H6 O2'
NO3 non-polymer 'NITRATE ION' 'N O3 -1'
P5U non-polymer O-[(4-cyanophenyl)sulfonyl]-L-serine 'C10 H10 N2 O5 S'
#
# COMPACT_ATOMS: atom_id res chain seq x y z
N ALA A 1 4.30 -8.63 -24.30
CA ALA A 1 5.44 -8.75 -23.36
C ALA A 1 5.07 -8.12 -22.04
N GLN A 2 5.70 -8.59 -20.97
CA GLN A 2 5.52 -8.05 -19.64
C GLN A 2 6.72 -7.21 -19.22
N THR A 3 6.43 -6.04 -18.65
CA THR A 3 7.45 -5.20 -18.04
C THR A 3 7.49 -5.39 -16.55
N VAL A 4 8.70 -5.35 -15.98
CA VAL A 4 8.90 -5.32 -14.55
C VAL A 4 9.19 -3.87 -14.14
N PRO A 5 8.26 -3.17 -13.49
CA PRO A 5 8.54 -1.79 -13.08
C PRO A 5 9.72 -1.79 -12.09
N TYR A 6 10.44 -0.66 -12.06
CA TYR A 6 11.70 -0.61 -11.29
C TYR A 6 11.49 -0.94 -9.82
N GLY A 7 10.31 -0.65 -9.28
CA GLY A 7 10.11 -0.84 -7.86
C GLY A 7 10.18 -2.28 -7.43
N ILE A 8 9.86 -3.22 -8.31
CA ILE A 8 9.84 -4.63 -7.95
C ILE A 8 11.26 -5.09 -7.63
N PRO A 9 12.26 -4.89 -8.49
CA PRO A 9 13.64 -5.26 -8.09
C PRO A 9 14.18 -4.36 -7.00
N LEU A 10 13.77 -3.10 -6.93
CA LEU A 10 14.36 -2.21 -5.93
C LEU A 10 14.07 -2.72 -4.52
N ILE A 11 12.85 -3.21 -4.26
CA ILE A 11 12.51 -3.77 -2.95
C ILE A 11 12.86 -5.25 -2.84
N LYS A 12 13.42 -5.84 -3.90
CA LYS A 12 13.83 -7.25 -3.95
C LYS A 12 12.65 -8.22 -3.94
N ALA A 13 11.50 -7.75 -4.42
CA ALA A 13 10.35 -8.62 -4.54
C ALA A 13 10.57 -9.70 -5.60
N ASP A 14 11.35 -9.39 -6.63
CA ASP A 14 11.67 -10.41 -7.64
C ASP A 14 12.40 -11.60 -7.01
N LYS A 15 13.28 -11.33 -6.06
N LYS A 15 13.29 -11.32 -6.06
CA LYS A 15 14.03 -12.41 -5.41
CA LYS A 15 14.02 -12.41 -5.40
C LYS A 15 13.09 -13.32 -4.62
C LYS A 15 13.07 -13.32 -4.64
N VAL A 16 12.09 -12.74 -3.93
CA VAL A 16 11.15 -13.57 -3.18
C VAL A 16 10.25 -14.35 -4.12
N GLN A 17 9.76 -13.70 -5.19
CA GLN A 17 8.95 -14.41 -6.17
C GLN A 17 9.71 -15.59 -6.74
N ALA A 18 11.01 -15.44 -6.98
CA ALA A 18 11.82 -16.51 -7.54
C ALA A 18 11.99 -17.68 -6.56
N GLN A 19 11.80 -17.45 -5.26
CA GLN A 19 11.76 -18.53 -4.29
C GLN A 19 10.48 -19.33 -4.38
N GLY A 20 9.47 -18.82 -5.09
CA GLY A 20 8.18 -19.46 -5.17
C GLY A 20 7.10 -18.83 -4.31
N PHE A 21 7.38 -17.71 -3.67
CA PHE A 21 6.43 -17.05 -2.78
C PHE A 21 5.95 -15.77 -3.46
N LYS A 22 4.66 -15.74 -3.78
CA LYS A 22 4.09 -14.74 -4.66
C LYS A 22 2.82 -14.12 -4.09
N GLY A 23 2.49 -14.42 -2.84
CA GLY A 23 1.27 -13.91 -2.25
C GLY A 23 0.07 -14.83 -2.30
N ALA A 24 0.24 -16.07 -2.79
CA ALA A 24 -0.92 -16.95 -2.91
C ALA A 24 -1.57 -17.15 -1.56
N ASN A 25 -2.91 -17.12 -1.57
CA ASN A 25 -3.73 -17.37 -0.40
C ASN A 25 -3.66 -16.25 0.62
N VAL A 26 -3.13 -15.09 0.23
CA VAL A 26 -3.14 -13.90 1.06
C VAL A 26 -4.15 -12.93 0.47
N LYS A 27 -5.00 -12.39 1.33
CA LYS A 27 -6.09 -11.48 0.95
C LYS A 27 -5.66 -10.04 1.22
N VAL A 28 -5.66 -9.23 0.15
CA VAL A 28 -5.27 -7.82 0.24
C VAL A 28 -6.44 -6.97 -0.26
N ALA A 29 -6.88 -6.02 0.57
CA ALA A 29 -7.90 -5.07 0.20
C ALA A 29 -7.24 -3.73 -0.14
N VAL A 30 -7.61 -3.20 -1.30
CA VAL A 30 -7.17 -1.88 -1.75
C VAL A 30 -8.35 -0.94 -1.55
N LEU A 31 -8.24 -0.07 -0.54
CA LEU A 31 -9.29 0.88 -0.20
C LEU A 31 -8.99 2.16 -0.95
N ASP A 32 -9.76 2.44 -2.00
CA ASP A 32 -9.39 3.48 -2.96
C ASP A 32 -10.59 3.81 -3.84
N THR A 33 -10.34 4.21 -5.08
CA THR A 33 -11.36 4.65 -6.02
C THR A 33 -11.97 3.48 -6.80
N GLY A 34 -11.92 2.26 -6.28
CA GLY A 34 -12.29 1.09 -7.02
C GLY A 34 -11.11 0.47 -7.73
N ILE A 35 -11.39 -0.61 -8.47
CA ILE A 35 -10.41 -1.24 -9.35
C ILE A 35 -11.13 -1.60 -10.63
N GLN A 36 -10.51 -1.36 -11.77
CA GLN A 36 -11.08 -1.81 -13.04
C GLN A 36 -10.93 -3.32 -13.14
N ALA A 37 -11.92 -4.06 -12.64
CA ALA A 37 -11.78 -5.50 -12.54
C ALA A 37 -11.66 -6.18 -13.89
N SER A 38 -12.17 -5.57 -14.96
CA SER A 38 -12.05 -6.17 -16.28
C SER A 38 -10.68 -5.94 -16.91
N HIS A 39 -9.75 -5.29 -16.21
CA HIS A 39 -8.43 -5.11 -16.77
C HIS A 39 -7.76 -6.47 -16.99
N PRO A 40 -7.17 -6.73 -18.15
CA PRO A 40 -6.60 -8.07 -18.40
C PRO A 40 -5.44 -8.44 -17.50
N ASP A 41 -4.80 -7.48 -16.84
CA ASP A 41 -3.64 -7.79 -15.99
C ASP A 41 -3.98 -7.78 -14.50
N LEU A 42 -5.26 -7.84 -14.15
CA LEU A 42 -5.68 -7.90 -12.76
C LEU A 42 -6.71 -9.01 -12.58
N ASN A 43 -6.77 -9.57 -11.38
CA ASN A 43 -7.81 -10.50 -11.00
C ASN A 43 -8.41 -10.06 -9.67
N VAL A 44 -9.54 -9.35 -9.73
CA VAL A 44 -10.23 -8.85 -8.54
C VAL A 44 -11.28 -9.88 -8.16
N VAL A 45 -11.14 -10.49 -6.98
CA VAL A 45 -11.99 -11.60 -6.60
C VAL A 45 -13.14 -11.21 -5.67
N GLY A 46 -13.24 -9.94 -5.28
CA GLY A 46 -14.38 -9.50 -4.48
C GLY A 46 -14.14 -8.07 -4.05
N GLY A 47 -15.02 -7.57 -3.19
CA GLY A 47 -14.88 -6.22 -2.71
C GLY A 47 -16.20 -5.68 -2.20
N ALA A 48 -16.24 -4.38 -2.02
CA ALA A 48 -17.43 -3.69 -1.53
C ALA A 48 -17.30 -2.23 -1.88
N SER A 49 -18.43 -1.55 -2.05
CA SER A 49 -18.45 -0.12 -2.25
C SER A 49 -19.22 0.57 -1.13
N PHE A 50 -18.64 1.67 -0.65
CA PHE A 50 -19.29 2.56 0.29
C PHE A 50 -19.39 3.97 -0.26
N VAL A 51 -19.35 4.07 -1.59
CA VAL A 51 -19.59 5.32 -2.30
C VAL A 51 -20.94 5.18 -3.00
N ALA A 52 -21.89 6.04 -2.63
CA ALA A 52 -23.24 5.94 -3.15
C ALA A 52 -23.23 5.99 -4.67
N GLY A 53 -23.87 4.99 -5.29
CA GLY A 53 -24.05 4.97 -6.72
C GLY A 53 -22.85 4.56 -7.54
N GLU A 54 -21.77 4.11 -6.91
CA GLU A 54 -20.59 3.65 -7.63
C GLU A 54 -20.31 2.21 -7.26
N ALA A 55 -20.04 1.38 -8.27
CA ALA A 55 -19.65 -0.01 -8.07
C ALA A 55 -18.16 -0.10 -7.75
N TYR A 56 -17.78 -1.12 -7.00
CA TYR A 56 -16.37 -1.25 -6.62
C TYR A 56 -15.49 -1.78 -7.74
N ASN A 57 -16.05 -2.52 -8.70
CA ASN A 57 -15.28 -3.11 -9.79
C ASN A 57 -15.17 -2.21 -11.01
N THR A 58 -15.53 -0.94 -10.86
CA THR A 58 -15.23 0.06 -11.87
C THR A 58 -14.43 1.15 -11.19
N ASP A 59 -13.57 1.80 -11.96
CA ASP A 59 -12.69 2.85 -11.43
C ASP A 59 -12.69 4.00 -12.42
N GLY A 60 -13.47 5.03 -12.12
CA GLY A 60 -13.53 6.21 -12.95
C GLY A 60 -12.45 7.23 -12.70
N ASN A 61 -11.57 6.96 -11.74
CA ASN A 61 -10.46 7.85 -11.42
C ASN A 61 -9.14 7.35 -11.98
N GLY A 62 -8.82 6.08 -11.72
CA GLY A 62 -7.58 5.46 -12.14
C GLY A 62 -6.66 5.12 -11.00
N HIS A 63 -6.70 5.86 -9.89
N HIS A 63 -6.76 5.85 -9.89
CA HIS A 63 -5.74 5.64 -8.81
CA HIS A 63 -5.84 5.70 -8.79
C HIS A 63 -5.88 4.24 -8.20
C HIS A 63 -5.90 4.29 -8.19
N GLY A 64 -7.11 3.80 -7.91
CA GLY A 64 -7.25 2.49 -7.30
C GLY A 64 -6.73 1.37 -8.18
N THR A 65 -6.95 1.48 -9.50
CA THR A 65 -6.45 0.46 -10.42
C THR A 65 -4.93 0.46 -10.44
N HIS A 66 -4.32 1.64 -10.38
CA HIS A 66 -2.88 1.76 -10.38
C HIS A 66 -2.28 1.16 -9.12
N VAL A 67 -2.82 1.55 -7.97
CA VAL A 67 -2.39 1.00 -6.69
C VAL A 67 -2.54 -0.52 -6.70
N ALA A 68 -3.68 -1.03 -7.19
CA ALA A 68 -3.91 -2.46 -7.22
C ALA A 68 -2.87 -3.18 -8.06
N GLY A 69 -2.49 -2.60 -9.20
CA GLY A 69 -1.49 -3.21 -10.04
C GLY A 69 -0.12 -3.28 -9.40
N THR A 70 0.22 -2.30 -8.57
CA THR A 70 1.49 -2.37 -7.85
C THR A 70 1.47 -3.53 -6.87
N VAL A 71 0.35 -3.75 -6.19
CA VAL A 71 0.23 -4.91 -5.32
C VAL A 71 0.28 -6.20 -6.13
N ALA A 72 -0.49 -6.26 -7.24
CA ALA A 72 -0.98 -7.56 -7.67
C ALA A 72 -1.12 -7.74 -9.18
N ALA A 73 -0.54 -6.88 -10.02
CA ALA A 73 -0.64 -7.15 -11.45
C ALA A 73 -0.11 -8.54 -11.76
N LEU A 74 -0.85 -9.25 -12.61
CA LEU A 74 -0.64 -10.68 -12.81
C LEU A 74 0.69 -10.97 -13.49
N ASP A 75 1.28 -12.10 -13.12
CA ASP A 75 2.54 -12.56 -13.70
C ASP A 75 2.21 -13.40 -14.94
N ASN A 76 2.44 -12.82 -16.11
CA ASN A 76 2.05 -13.44 -17.38
C ASN A 76 2.98 -12.85 -18.45
N THR A 77 2.49 -12.74 -19.68
CA THR A 77 3.29 -12.15 -20.74
C THR A 77 2.71 -10.80 -21.19
N THR A 78 2.00 -10.14 -20.28
CA THR A 78 1.24 -8.94 -20.56
C THR A 78 1.56 -7.87 -19.53
N GLY A 79 1.55 -6.62 -19.96
CA GLY A 79 1.39 -5.53 -19.01
C GLY A 79 2.58 -5.36 -18.08
N VAL A 80 2.29 -5.36 -16.78
CA VAL A 80 3.30 -5.15 -15.75
C VAL A 80 3.27 -6.35 -14.80
N LEU A 81 3.88 -6.19 -13.64
CA LEU A 81 4.06 -7.27 -12.67
C LEU A 81 3.94 -6.66 -11.29
N GLY A 82 3.04 -7.21 -10.48
CA GLY A 82 2.88 -6.74 -9.13
C GLY A 82 3.95 -7.30 -8.19
N VAL A 83 4.03 -6.67 -7.01
CA VAL A 83 4.89 -7.16 -5.94
C VAL A 83 4.50 -8.58 -5.53
N ALA A 84 3.19 -8.84 -5.44
CA ALA A 84 2.65 -10.10 -4.94
C ALA A 84 1.59 -10.57 -5.92
N PRO A 85 2.01 -11.09 -7.08
CA PRO A 85 1.08 -11.28 -8.20
C PRO A 85 0.07 -12.39 -8.01
N SER A 86 0.21 -13.23 -6.99
CA SER A 86 -0.75 -14.28 -6.71
C SER A 86 -1.74 -13.92 -5.60
N VAL A 87 -1.72 -12.69 -5.06
CA VAL A 87 -2.63 -12.37 -3.99
C VAL A 87 -4.08 -12.47 -4.44
N SER A 88 -4.94 -12.72 -3.47
CA SER A 88 -6.39 -12.56 -3.62
C SER A 88 -6.69 -11.07 -3.41
N LEU A 89 -7.10 -10.40 -4.48
CA LEU A 89 -7.20 -8.94 -4.53
C LEU A 89 -8.65 -8.50 -4.41
N TYR A 90 -8.90 -7.57 -3.49
CA TYR A 90 -10.25 -7.07 -3.21
C TYR A 90 -10.31 -5.56 -3.41
N ALA A 91 -11.33 -5.11 -4.13
CA ALA A 91 -11.57 -3.70 -4.41
C ALA A 91 -12.55 -3.17 -3.38
N VAL A 92 -12.09 -2.29 -2.50
CA VAL A 92 -12.97 -1.67 -1.51
C VAL A 92 -13.06 -0.19 -1.86
N LYS A 93 -14.15 0.17 -2.52
CA LYS A 93 -14.34 1.53 -3.00
C LYS A 93 -14.80 2.42 -1.86
N VAL A 94 -13.92 3.35 -1.46
CA VAL A 94 -14.20 4.33 -0.43
C VAL A 94 -14.01 5.75 -0.93
N LEU A 95 -13.55 5.92 -2.17
CA LEU A 95 -13.41 7.21 -2.82
C LEU A 95 -14.14 7.17 -4.15
N ASN A 96 -14.72 8.30 -4.53
CA ASN A 96 -15.47 8.37 -5.78
C ASN A 96 -14.52 8.65 -6.95
N SER A 97 -15.08 8.84 -8.15
CA SER A 97 -14.26 9.01 -9.34
C SER A 97 -13.45 10.29 -9.30
N SER A 98 -13.79 11.23 -8.42
CA SER A 98 -13.01 12.44 -8.23
C SER A 98 -11.94 12.28 -7.16
N GLY A 99 -11.83 11.13 -6.53
CA GLY A 99 -10.80 10.87 -5.55
C GLY A 99 -11.12 11.28 -4.13
N SER A 100 -12.37 11.60 -3.83
CA SER A 100 -12.75 12.00 -2.47
C SER A 100 -13.88 11.10 -1.98
N GLY A 101 -14.01 11.02 -0.66
CA GLY A 101 -15.06 10.23 -0.05
C GLY A 101 -15.26 10.62 1.39
N SER A 102 -16.45 10.33 1.90
CA SER A 102 -16.74 10.57 3.30
C SER A 102 -15.86 9.70 4.18
N TYR A 103 -15.52 10.23 5.35
CA TYR A 103 -14.70 9.45 6.29
C TYR A 103 -15.48 8.26 6.84
N SER A 104 -16.80 8.38 6.97
CA SER A 104 -17.60 7.24 7.41
C SER A 104 -17.59 6.12 6.38
N GLY A 105 -17.50 6.47 5.09
CA GLY A 105 -17.36 5.45 4.07
C GLY A 105 -16.01 4.75 4.15
N ILE A 106 -14.96 5.52 4.44
CA ILE A 106 -13.64 4.92 4.65
C ILE A 106 -13.68 3.97 5.84
N VAL A 107 -14.31 4.41 6.94
CA VAL A 107 -14.47 3.54 8.11
C VAL A 107 -15.23 2.27 7.75
N SER A 108 -16.34 2.42 7.01
CA SER A 108 -17.09 1.23 6.58
C SER A 108 -16.21 0.29 5.78
N GLY A 109 -15.33 0.84 4.94
CA GLY A 109 -14.45 -0.01 4.15
C GLY A 109 -13.44 -0.74 4.99
N ILE A 110 -12.88 -0.06 6.00
CA ILE A 110 -11.96 -0.70 6.91
C ILE A 110 -12.66 -1.83 7.67
N GLU A 111 -13.87 -1.55 8.16
CA GLU A 111 -14.63 -2.56 8.87
C GLU A 111 -14.96 -3.74 7.98
N TRP A 112 -15.35 -3.48 6.73
CA TRP A 112 -15.62 -4.56 5.79
C TRP A 112 -14.39 -5.44 5.63
N ALA A 113 -13.22 -4.83 5.45
CA ALA A 113 -12.01 -5.61 5.26
C ALA A 113 -11.73 -6.47 6.48
N THR A 114 -11.92 -5.93 7.67
CA THR A 114 -11.67 -6.70 8.88
C THR A 114 -12.63 -7.88 8.99
N THR A 115 -13.93 -7.61 8.81
N THR A 115 -13.93 -7.63 8.81
CA THR A 115 -14.96 -8.64 8.95
CA THR A 115 -14.89 -8.71 9.00
C THR A 115 -14.76 -9.74 7.92
C THR A 115 -14.87 -9.73 7.87
N ASN A 116 -14.32 -9.39 6.71
CA ASN A 116 -14.15 -10.35 5.64
C ASN A 116 -12.78 -11.02 5.60
N GLY A 117 -12.01 -10.89 6.66
CA GLY A 117 -10.80 -11.67 6.81
C GLY A 117 -9.65 -11.25 5.94
N MET A 118 -9.59 -9.99 5.55
CA MET A 118 -8.42 -9.51 4.82
C MET A 118 -7.18 -9.69 5.69
N ASP A 119 -6.07 -10.05 5.06
CA ASP A 119 -4.78 -10.12 5.73
C ASP A 119 -4.03 -8.80 5.72
N VAL A 120 -4.26 -8.00 4.69
CA VAL A 120 -3.58 -6.72 4.50
C VAL A 120 -4.61 -5.71 4.00
N ILE A 121 -4.56 -4.49 4.56
CA ILE A 121 -5.32 -3.35 4.07
C ILE A 121 -4.33 -2.33 3.54
N ASN A 122 -4.55 -1.86 2.32
CA ASN A 122 -3.80 -0.74 1.78
C ASN A 122 -4.70 0.48 1.65
N MET A 123 -4.32 1.57 2.31
N MET A 123 -4.28 1.58 2.26
CA MET A 123 -4.97 2.87 2.19
CA MET A 123 -4.98 2.87 2.21
C MET A 123 -3.97 3.87 1.61
C MET A 123 -4.03 3.91 1.62
N SER A 124 -3.98 3.97 0.29
CA SER A 124 -3.21 4.97 -0.42
C SER A 124 -4.03 6.26 -0.40
N LEU A 125 -4.29 6.73 0.81
CA LEU A 125 -5.21 7.82 1.00
C LEU A 125 -4.92 8.46 2.34
N GLY A 126 -5.49 9.63 2.53
CA GLY A 126 -5.43 10.27 3.81
C GLY A 126 -5.58 11.75 3.65
N GLY A 127 -5.55 12.41 4.79
CA GLY A 127 -5.62 13.83 4.77
C GLY A 127 -4.91 14.36 5.98
N ALA A 128 -5.02 15.68 6.15
CA ALA A 128 -4.36 16.34 7.26
C ALA A 128 -5.05 16.04 8.57
N SER A 129 -6.29 15.54 8.53
CA SER A 129 -7.11 15.41 9.71
C SER A 129 -7.52 13.95 9.89
N GLY A 130 -7.61 13.52 11.15
CA GLY A 130 -8.15 12.24 11.49
C GLY A 130 -9.51 12.37 12.17
N SER A 131 -9.99 11.23 12.67
CA SER A 131 -11.23 11.22 13.43
C SER A 131 -11.20 10.04 14.39
N THR A 132 -12.01 10.13 15.44
N THR A 132 -12.00 10.12 15.44
CA THR A 132 -12.05 9.05 16.42
CA THR A 132 -12.04 9.04 16.42
C THR A 132 -12.52 7.76 15.77
C THR A 132 -12.54 7.74 15.78
N ALA A 133 -13.50 7.85 14.87
CA ALA A 133 -14.02 6.65 14.21
C ALA A 133 -12.95 6.01 13.32
N MET A 134 -12.18 6.82 12.60
N MET A 134 -12.18 6.83 12.62
CA MET A 134 -11.11 6.27 11.78
CA MET A 134 -11.10 6.32 11.79
C MET A 134 -10.06 5.57 12.64
C MET A 134 -10.07 5.59 12.64
N LYS A 135 -9.67 6.22 13.75
CA LYS A 135 -8.67 5.60 14.62
C LYS A 135 -9.19 4.28 15.17
N GLN A 136 -10.44 4.25 15.62
CA GLN A 136 -11.00 3.02 16.15
C GLN A 136 -11.00 1.91 15.09
N ALA A 137 -11.34 2.25 13.84
CA ALA A 137 -11.42 1.24 12.80
C ALA A 137 -10.03 0.64 12.51
N VAL A 138 -9.00 1.48 12.35
CA VAL A 138 -7.68 0.91 12.06
C VAL A 138 -7.12 0.18 13.28
N ASP A 139 -7.37 0.71 14.48
CA ASP A 139 -6.92 0.01 15.68
C ASP A 139 -7.56 -1.37 15.77
N ASN A 140 -8.84 -1.47 15.44
CA ASN A 140 -9.51 -2.76 15.55
C ASN A 140 -9.00 -3.72 14.48
N ALA A 141 -8.78 -3.24 13.26
CA ALA A 141 -8.24 -4.08 12.21
C ALA A 141 -6.90 -4.68 12.62
N TYR A 142 -6.00 -3.84 13.12
CA TYR A 142 -4.68 -4.30 13.54
C TYR A 142 -4.80 -5.27 14.71
N ALA A 143 -5.64 -4.96 15.69
CA ALA A 143 -5.80 -5.84 16.84
C ALA A 143 -6.32 -7.22 16.41
N ARG A 144 -7.12 -7.26 15.36
CA ARG A 144 -7.66 -8.52 14.85
C ARG A 144 -6.74 -9.18 13.83
N GLY A 145 -5.52 -8.68 13.69
CA GLY A 145 -4.50 -9.37 12.92
C GLY A 145 -4.26 -8.88 11.52
N VAL A 146 -4.85 -7.77 11.13
CA VAL A 146 -4.67 -7.23 9.78
C VAL A 146 -3.44 -6.33 9.76
N VAL A 147 -2.59 -6.49 8.75
CA VAL A 147 -1.51 -5.53 8.50
C VAL A 147 -2.12 -4.35 7.77
N VAL A 148 -2.07 -3.17 8.39
CA VAL A 148 -2.67 -1.96 7.84
C VAL A 148 -1.53 -1.04 7.37
N VAL A 149 -1.61 -0.65 6.11
CA VAL A 149 -0.57 0.13 5.44
C VAL A 149 -1.21 1.36 4.83
N ALA A 150 -0.53 2.51 4.95
CA ALA A 150 -1.04 3.74 4.36
C ALA A 150 0.09 4.63 3.89
N ALA A 151 -0.23 5.42 2.88
CA ALA A 151 0.68 6.45 2.39
C ALA A 151 0.95 7.49 3.47
N ALA A 152 2.22 7.85 3.65
CA ALA A 152 2.57 8.80 4.70
C ALA A 152 2.04 10.20 4.41
N GLY A 153 1.83 10.54 3.15
CA GLY A 153 1.43 11.87 2.77
C GLY A 153 2.39 12.47 1.77
N ASN A 154 1.91 13.45 1.01
CA ASN A 154 2.70 14.11 -0.01
C ASN A 154 2.93 15.59 0.32
N SER A 155 3.05 15.91 1.60
N SER A 155 3.03 15.94 1.60
CA SER A 155 3.18 17.27 2.05
CA SER A 155 3.19 17.34 1.97
C SER A 155 4.63 17.72 2.23
C SER A 155 4.63 17.74 2.23
N GLY A 156 5.60 16.87 1.92
CA GLY A 156 7.00 17.25 2.00
C GLY A 156 7.45 17.57 3.41
N ASN A 157 8.48 18.42 3.51
CA ASN A 157 9.03 18.81 4.79
C ASN A 157 9.20 20.31 4.82
N SER A 158 9.17 20.87 6.03
CA SER A 158 9.39 22.29 6.23
C SER A 158 9.87 22.43 7.67
N GLY A 159 11.15 22.73 7.84
CA GLY A 159 11.70 22.75 9.18
C GLY A 159 11.46 21.42 9.86
N OSE A 160 11.02 21.49 11.10
CA OSE A 160 10.76 20.30 11.88
CB OSE A 160 11.28 20.48 13.34
OG OSE A 160 12.31 19.58 13.57
C OSE A 160 9.30 19.87 11.98
O OSE A 160 8.88 19.07 12.83
S OSE A 160 13.87 19.95 13.18
O1S OSE A 160 14.01 21.30 13.26
O2S OSE A 160 14.65 19.01 13.77
O3S OSE A 160 13.75 19.58 11.61
HA OSE A 160 11.31 19.45 11.37
HB2 OSE A 160 10.48 20.24 14.10
HB3 OSE A 160 11.69 21.50 13.52
H3S OSE A 160 14.33 19.98 10.96
N SER A 160 11.03 21.47 11.11
CA SER A 160 10.80 20.28 11.90
C SER A 160 9.31 19.93 12.00
N THR A 161 8.49 20.43 11.09
CA THR A 161 7.07 20.12 11.12
C THR A 161 6.82 18.66 10.79
N ASN A 162 5.88 18.06 11.53
CA ASN A 162 5.46 16.69 11.31
C ASN A 162 4.29 16.70 10.34
N THR A 163 4.52 16.21 9.12
CA THR A 163 3.54 16.32 8.05
C THR A 163 2.89 15.00 7.68
N ILE A 164 3.01 13.99 8.54
CA ILE A 164 2.39 12.70 8.29
C ILE A 164 0.87 12.87 8.32
N GLY A 165 0.20 12.33 7.29
CA GLY A 165 -1.25 12.35 7.23
C GLY A 165 -1.89 11.20 7.99
N TYR A 166 -3.21 11.23 8.00
CA TYR A 166 -4.04 10.19 8.60
C TYR A 166 -4.69 9.36 7.50
N PRO A 167 -4.78 8.02 7.65
CA PRO A 167 -4.52 7.25 8.86
C PRO A 167 -3.07 6.81 9.12
N ALA A 168 -2.13 7.16 8.25
CA ALA A 168 -0.75 6.73 8.46
C ALA A 168 -0.22 7.10 9.83
N LYS A 169 -0.65 8.24 10.38
CA LYS A 169 -0.11 8.72 11.66
C LYS A 169 -0.53 7.84 12.83
N TYR A 170 -1.58 7.03 12.70
CA TYR A 170 -1.99 6.17 13.81
C TYR A 170 -0.98 5.05 14.01
N ASP A 171 -0.76 4.69 15.28
CA ASP A 171 0.24 3.69 15.63
C ASP A 171 -0.07 2.30 15.11
N SER A 172 -1.34 2.03 14.76
CA SER A 172 -1.73 0.74 14.23
C SER A 172 -1.48 0.62 12.72
N VAL A 173 -0.97 1.67 12.08
CA VAL A 173 -0.84 1.75 10.64
C VAL A 173 0.63 1.98 10.28
N ILE A 174 1.11 1.29 9.25
CA ILE A 174 2.46 1.52 8.76
C ILE A 174 2.44 2.73 7.83
N ALA A 175 3.16 3.80 8.21
CA ALA A 175 3.26 5.01 7.40
C ALA A 175 4.40 4.86 6.41
N VAL A 176 4.09 4.93 5.12
CA VAL A 176 5.04 4.64 4.05
C VAL A 176 5.38 5.90 3.27
N GLY A 177 6.66 6.27 3.27
CA GLY A 177 7.17 7.35 2.45
C GLY A 177 7.69 6.85 1.12
N ALA A 178 8.14 7.80 0.29
CA ALA A 178 8.44 7.52 -1.11
C ALA A 178 9.89 7.83 -1.47
N VAL A 179 10.50 6.90 -2.22
CA VAL A 179 11.75 7.12 -2.91
C VAL A 179 11.52 7.05 -4.43
N ASP A 180 12.54 7.44 -5.17
CA ASP A 180 12.52 7.38 -6.62
C ASP A 180 13.38 6.22 -7.12
N SER A 181 13.58 6.15 -8.44
CA SER A 181 14.28 5.01 -9.03
C SER A 181 15.76 4.97 -8.67
N ASN A 182 16.30 6.07 -8.14
CA ASN A 182 17.66 6.09 -7.60
C ASN A 182 17.70 5.75 -6.12
N SER A 183 16.54 5.44 -5.55
N SER A 183 16.57 5.42 -5.52
CA SER A 183 16.35 5.20 -4.13
CA SER A 183 16.45 5.18 -4.08
C SER A 183 16.55 6.45 -3.28
C SER A 183 16.50 6.47 -3.25
N ASN A 184 16.36 7.63 -3.87
CA ASN A 184 16.43 8.89 -3.14
C ASN A 184 15.03 9.28 -2.68
N ARG A 185 14.92 9.80 -1.47
CA ARG A 185 13.64 10.30 -0.99
C ARG A 185 13.08 11.33 -1.95
N ALA A 186 11.81 11.17 -2.27
CA ALA A 186 11.12 12.17 -3.10
C ALA A 186 10.80 13.39 -2.25
N SER A 187 10.95 14.57 -2.86
CA SER A 187 10.78 15.81 -2.10
C SER A 187 9.38 15.96 -1.53
N PHE A 188 8.37 15.36 -2.19
CA PHE A 188 7.00 15.46 -1.69
C PHE A 188 6.71 14.53 -0.52
N SER A 189 7.60 13.59 -0.21
CA SER A 189 7.31 12.59 0.81
C SER A 189 7.19 13.23 2.19
N SER A 190 6.07 12.99 2.88
CA SER A 190 5.85 13.55 4.21
C SER A 190 6.86 12.97 5.21
N VAL A 191 7.01 13.68 6.34
CA VAL A 191 8.06 13.41 7.33
C VAL A 191 7.46 13.52 8.71
N GLY A 192 8.12 12.90 9.68
CA GLY A 192 7.70 13.03 11.07
C GLY A 192 7.98 11.78 11.87
N ALA A 193 7.64 11.86 13.16
CA ALA A 193 7.96 10.78 14.09
C ALA A 193 7.33 9.46 13.69
N GLU A 194 6.18 9.48 13.04
CA GLU A 194 5.46 8.26 12.69
C GLU A 194 5.93 7.64 11.38
N LEU A 195 6.77 8.32 10.60
CA LEU A 195 7.23 7.73 9.35
C LEU A 195 7.96 6.43 9.64
N GLU A 196 7.60 5.35 8.93
CA GLU A 196 8.02 4.02 9.33
C GLU A 196 8.99 3.37 8.36
N VAL A 197 8.64 3.33 7.08
CA VAL A 197 9.51 2.77 6.04
C VAL A 197 9.30 3.57 4.76
N MET A 198 10.20 3.36 3.80
CA MET A 198 10.13 3.97 2.48
C MET A 198 9.99 2.89 1.42
N ALA A 199 9.35 3.27 0.30
CA ALA A 199 9.21 2.37 -0.82
C ALA A 199 9.08 3.19 -2.09
N PRO A 200 9.18 2.56 -3.26
CA PRO A 200 9.13 3.32 -4.52
C PRO A 200 7.82 4.06 -4.70
N GLY A 201 7.90 5.37 -4.94
CA GLY A 201 6.73 6.20 -5.11
C GLY A 201 6.80 7.19 -6.25
N ALA A 202 7.98 7.45 -6.80
CA ALA A 202 8.10 8.39 -7.90
C ALA A 202 8.24 7.63 -9.21
N GLY A 203 7.46 8.02 -10.22
CA GLY A 203 7.58 7.40 -11.52
C GLY A 203 7.21 5.93 -11.52
N VAL A 204 6.15 5.56 -10.80
CA VAL A 204 5.73 4.17 -10.68
C VAL A 204 4.74 3.84 -11.79
N TYR A 205 5.10 2.87 -12.63
CA TYR A 205 4.30 2.41 -13.76
C TYR A 205 3.46 1.23 -13.32
N SER A 206 2.17 1.27 -13.65
CA SER A 206 1.24 0.23 -13.21
C SER A 206 0.04 0.19 -14.14
N THR A 207 -0.89 -0.71 -13.82
CA THR A 207 -2.16 -0.81 -14.52
C THR A 207 -2.97 0.47 -14.37
N TYR A 208 -3.82 0.75 -15.36
CA TYR A 208 -4.61 1.97 -15.35
C TYR A 208 -5.81 1.76 -16.26
N PRO A 209 -6.96 2.35 -15.95
CA PRO A 209 -8.12 2.16 -16.84
C PRO A 209 -7.95 3.04 -18.08
N THR A 210 -8.49 2.59 -19.21
CA THR A 210 -9.17 1.31 -19.42
C THR A 210 -8.22 0.37 -20.16
N ASN A 211 -7.90 -0.75 -19.52
CA ASN A 211 -7.04 -1.78 -20.13
C ASN A 211 -5.68 -1.24 -20.52
N THR A 212 -5.14 -0.28 -19.77
CA THR A 212 -3.88 0.37 -20.15
C THR A 212 -2.94 0.41 -18.96
N TYR A 213 -1.92 1.25 -19.06
CA TYR A 213 -0.82 1.32 -18.10
C TYR A 213 -0.40 2.78 -18.02
N ALA A 214 -0.04 3.25 -16.82
CA ALA A 214 0.34 4.65 -16.68
C ALA A 214 1.29 4.83 -15.52
N THR A 215 1.93 6.00 -15.48
CA THR A 215 2.97 6.33 -14.52
C THR A 215 2.44 7.41 -13.59
N LEU A 216 2.52 7.16 -12.28
CA LEU A 216 2.04 8.11 -11.28
C LEU A 216 3.13 8.33 -10.23
N ASN A 217 3.01 9.44 -9.51
CA ASN A 217 3.92 9.79 -8.43
C ASN A 217 3.15 10.00 -7.14
N GLY A 218 3.64 9.48 -6.04
CA GLY A 218 3.05 9.80 -4.76
C GLY A 218 3.40 8.75 -3.71
N THR A 219 3.19 9.11 -2.45
CA THR A 219 3.31 8.09 -1.41
C THR A 219 2.21 7.02 -1.57
N P5U A 220 1.19 7.31 -2.35
N P5U A 220 1.16 7.34 -2.30
CA P5U A 220 0.10 6.36 -2.53
CA P5U A 220 0.10 6.40 -2.62
C P5U A 220 0.56 5.31 -3.58
C P5U A 220 0.66 5.27 -3.49
O P5U A 220 -0.11 4.26 -3.70
O P5U A 220 -0.02 4.24 -3.55
CB P5U A 220 -1.21 7.16 -2.61
CB P5U A 220 -0.94 7.08 -3.46
C03 P5U A 220 -1.86 10.20 -1.54
C03 P5U A 220 -1.08 10.11 -4.42
C04 P5U A 220 -0.92 9.91 -0.55
C04 P5U A 220 -0.50 11.32 -4.70
C05 P5U A 220 -1.17 10.27 0.75
C05 P5U A 220 -0.12 11.62 -5.99
C06 P5U A 220 -2.33 10.92 1.10
C06 P5U A 220 -0.38 10.78 -7.05
C07 P5U A 220 -2.51 11.29 2.57
C07 P5U A 220 0.01 11.09 -8.53
C09 P5U A 220 -3.28 11.22 0.13
C09 P5U A 220 -1.01 9.61 -6.76
C10 P5U A 220 -3.05 10.86 -1.20
C10 P5U A 220 -1.38 9.30 -5.49
N08 P5U A 220 -2.60 11.55 3.67
N08 P5U A 220 0.34 11.33 -9.61
O01 P5U A 220 -0.08 9.96 -3.49
O01 P5U A 220 -3.11 9.76 -3.30
O11 P5U A 220 -1.45 8.06 -3.62
O11 P5U A 220 -1.71 7.83 -2.62
O18 P5U A 220 -2.33 10.38 -4.31
O18 P5U A 220 -1.82 10.07 -1.52
S02 P5U A 220 -1.52 9.67 -3.25
S02 P5U A 220 -1.72 9.47 -2.89
H1 P5U A 220 1.23 7.85 -3.02
H1 P5U A 220 0.84 8.14 -2.37
HA P5U A 220 -0.15 5.75 -1.82
HA P5U A 220 -0.27 6.06 -1.78
HB3 P5U A 220 -1.26 7.65 -1.78
HB3 P5U A 220 -1.48 6.42 -3.92
HB2 P5U A 220 -1.93 6.51 -2.65
HB2 P5U A 220 -0.50 7.66 -4.12
H171 P5U A 220 -0.13 9.47 -0.78
H171 P5U A 220 -0.35 11.93 -4.01
H181 P5U A 220 -0.55 10.05 1.41
H181 P5U A 220 0.32 12.43 -6.16
H041 P5U A 220 -4.06 11.66 0.36
H041 P5U A 220 -1.19 9.00 -7.45
H051 P5U A 220 -3.67 11.05 -1.86
H051 P5U A 220 -1.87 8.53 -5.33
N SER A 220 1.13 7.35 -2.30
CA SER A 220 0.11 6.37 -2.60
C SER A 220 0.65 5.25 -3.47
N MET A 221 1.72 5.51 -4.22
CA MET A 221 2.35 4.48 -5.05
C MET A 221 3.33 3.67 -4.20
N ALA A 222 3.86 4.27 -3.13
CA ALA A 222 4.79 3.59 -2.24
C ALA A 222 4.06 2.60 -1.34
N SER A 223 2.93 3.01 -0.76
CA SER A 223 2.14 2.15 0.13
C SER A 223 1.87 0.77 -0.46
N PRO A 224 1.41 0.62 -1.69
CA PRO A 224 1.11 -0.74 -2.19
C PRO A 224 2.35 -1.60 -2.35
N HIS A 225 3.54 -1.02 -2.49
CA HIS A 225 4.74 -1.85 -2.47
C HIS A 225 4.89 -2.54 -1.12
N VAL A 226 4.60 -1.81 -0.04
CA VAL A 226 4.69 -2.36 1.31
C VAL A 226 3.56 -3.33 1.58
N ALA A 227 2.34 -3.01 1.10
CA ALA A 227 1.24 -3.96 1.24
C ALA A 227 1.54 -5.26 0.51
N GLY A 228 2.07 -5.16 -0.71
CA GLY A 228 2.46 -6.36 -1.43
C GLY A 228 3.57 -7.11 -0.74
N ALA A 229 4.56 -6.38 -0.18
CA ALA A 229 5.64 -7.03 0.54
C ALA A 229 5.12 -7.79 1.74
N ALA A 230 4.18 -7.20 2.47
CA ALA A 230 3.54 -7.90 3.58
C ALA A 230 2.90 -9.19 3.10
N ALA A 231 2.23 -9.15 1.94
CA ALA A 231 1.60 -10.35 1.42
C ALA A 231 2.63 -11.41 1.00
N LEU A 232 3.76 -10.98 0.42
CA LEU A 232 4.82 -11.95 0.12
C LEU A 232 5.29 -12.64 1.39
N ILE A 233 5.54 -11.85 2.44
CA ILE A 233 6.01 -12.41 3.70
C ILE A 233 5.00 -13.43 4.24
N LEU A 234 3.71 -13.08 4.24
CA LEU A 234 2.68 -13.98 4.76
C LEU A 234 2.53 -15.22 3.90
N SER A 235 2.77 -15.11 2.60
CA SER A 235 2.65 -16.31 1.77
C SER A 235 3.76 -17.30 2.07
N LYS A 236 4.90 -16.83 2.56
CA LYS A 236 6.00 -17.70 2.95
C LYS A 236 5.89 -18.12 4.42
N HIS A 237 5.37 -17.24 5.27
CA HIS A 237 5.30 -17.44 6.72
C HIS A 237 3.86 -17.18 7.16
N PRO A 238 2.94 -18.09 6.86
CA PRO A 238 1.51 -17.78 7.04
C PRO A 238 1.07 -17.62 8.48
N ASN A 239 1.85 -18.03 9.47
CA ASN A 239 1.43 -18.01 10.86
C ASN A 239 1.81 -16.73 11.59
N LEU A 240 2.45 -15.77 10.92
CA LEU A 240 2.93 -14.58 11.59
C LEU A 240 1.77 -13.68 12.02
N SER A 241 1.96 -13.02 13.16
CA SER A 241 1.05 -11.95 13.56
C SER A 241 1.30 -10.71 12.72
N ALA A 242 0.35 -9.78 12.76
CA ALA A 242 0.50 -8.53 12.03
C ALA A 242 1.74 -7.78 12.50
N SER A 243 1.98 -7.75 13.82
N SER A 243 1.99 -7.74 13.81
CA SER A 243 3.16 -7.07 14.34
CA SER A 243 3.17 -7.06 14.33
C SER A 243 4.45 -7.74 13.85
C SER A 243 4.44 -7.74 13.86
N GLN A 244 4.46 -9.08 13.78
CA GLN A 244 5.65 -9.77 13.30
C GLN A 244 5.94 -9.44 11.83
N VAL A 245 4.90 -9.37 10.99
CA VAL A 245 5.11 -8.97 9.60
C VAL A 245 5.67 -7.55 9.54
N ARG A 246 5.01 -6.66 10.27
CA ARG A 246 5.41 -5.25 10.32
C ARG A 246 6.86 -5.09 10.76
N ASN A 247 7.26 -5.81 11.81
CA ASN A 247 8.62 -5.68 12.30
C ASN A 247 9.64 -6.26 11.32
N ARG A 248 9.30 -7.34 10.61
CA ARG A 248 10.21 -7.83 9.60
C ARG A 248 10.51 -6.74 8.58
N LEU A 249 9.47 -6.00 8.15
CA LEU A 249 9.67 -4.96 7.16
C LEU A 249 10.55 -3.83 7.68
N SER A 250 10.37 -3.43 8.94
N SER A 250 10.34 -3.38 8.90
CA SER A 250 11.18 -2.37 9.52
CA SER A 250 11.13 -2.25 9.38
C SER A 250 12.59 -2.87 9.83
C SER A 250 12.50 -2.67 9.88
N SER A 251 12.70 -3.96 10.59
N SER A 251 12.64 -3.86 10.49
CA SER A 251 13.99 -4.37 11.11
CA SER A 251 13.94 -4.26 11.05
C SER A 251 14.98 -4.76 10.02
C SER A 251 14.95 -4.69 10.00
N THR A 252 14.51 -5.02 8.79
CA THR A 252 15.40 -5.39 7.71
C THR A 252 15.48 -4.34 6.62
N ALA A 253 14.90 -3.16 6.84
CA ALA A 253 14.97 -2.11 5.84
C ALA A 253 16.40 -1.58 5.71
N THR A 254 16.71 -1.04 4.54
CA THR A 254 18.02 -0.49 4.26
C THR A 254 18.07 0.95 4.76
N TYR A 255 18.97 1.21 5.72
CA TYR A 255 19.07 2.53 6.32
C TYR A 255 19.36 3.59 5.27
N LEU A 256 18.56 4.68 5.31
CA LEU A 256 18.69 5.80 4.40
C LEU A 256 19.03 7.11 5.09
N GLY A 257 19.02 7.16 6.41
CA GLY A 257 19.19 8.40 7.14
C GLY A 257 18.22 8.48 8.31
N SER A 258 18.12 9.69 8.87
N SER A 258 18.14 9.68 8.90
CA SER A 258 17.32 9.94 10.05
CA SER A 258 17.37 9.86 10.13
C SER A 258 15.87 9.48 9.88
C SER A 258 15.93 9.41 9.95
N SER A 259 15.35 8.85 10.93
N SER A 259 15.36 8.88 11.03
CA SER A 259 14.01 8.30 10.85
CA SER A 259 14.02 8.30 10.97
C SER A 259 12.94 9.36 10.60
C SER A 259 12.95 9.33 10.66
N PHE A 260 13.17 10.60 11.05
CA PHE A 260 12.19 11.66 10.77
C PHE A 260 11.91 11.77 9.27
N TYR A 261 12.94 11.62 8.43
CA TYR A 261 12.82 11.78 6.98
C TYR A 261 12.67 10.47 6.23
N TYR A 262 13.14 9.36 6.81
CA TYR A 262 13.24 8.10 6.08
C TYR A 262 12.66 6.90 6.83
N GLY A 263 12.15 7.09 8.04
CA GLY A 263 11.81 5.92 8.82
C GLY A 263 13.03 5.02 8.97
N LYS A 264 12.80 3.71 8.99
CA LYS A 264 13.89 2.74 9.03
C LYS A 264 14.58 2.57 7.69
N GLY A 265 14.07 3.19 6.63
CA GLY A 265 14.71 3.13 5.32
C GLY A 265 13.87 2.38 4.30
N LEU A 266 14.55 1.93 3.26
CA LEU A 266 13.92 1.28 2.12
C LEU A 266 13.62 -0.18 2.44
N ILE A 267 12.37 -0.60 2.25
CA ILE A 267 12.06 -1.99 2.52
C ILE A 267 12.89 -2.91 1.62
N ASN A 268 13.23 -4.07 2.16
CA ASN A 268 13.95 -5.13 1.47
C ASN A 268 13.16 -6.38 1.80
N VAL A 269 12.27 -6.80 0.91
CA VAL A 269 11.38 -7.91 1.24
C VAL A 269 12.11 -9.24 1.21
N GLU A 270 13.21 -9.35 0.44
CA GLU A 270 14.02 -10.56 0.51
C GLU A 270 14.57 -10.75 1.92
N ALA A 271 15.16 -9.70 2.48
CA ALA A 271 15.66 -9.80 3.86
C ALA A 271 14.50 -10.01 4.83
N ALA A 272 13.39 -9.31 4.63
CA ALA A 272 12.26 -9.42 5.56
C ALA A 272 11.69 -10.82 5.59
N ALA A 273 11.74 -11.53 4.47
CA ALA A 273 11.12 -12.84 4.36
C ALA A 273 12.07 -13.99 4.68
N GLN A 274 13.28 -13.70 5.15
CA GLN A 274 14.24 -14.75 5.48
C GLN A 274 13.78 -15.67 6.61
C1 EDO B . 2.18 13.77 -5.71
O1 EDO B . 1.16 14.37 -6.50
C2 EDO B . 3.48 14.50 -5.95
O2 EDO B . 3.35 15.82 -5.42
H11 EDO B . 1.91 13.81 -4.65
H12 EDO B . 2.29 12.70 -5.96
HO1 EDO B . 0.30 14.21 -6.10
H21 EDO B . 4.31 13.98 -5.47
H22 EDO B . 3.69 14.54 -7.03
HO2 EDO B . 4.17 16.30 -5.53
N NO3 C . 8.74 -13.78 13.29
O1 NO3 C . 8.52 -13.73 14.52
O2 NO3 C . 8.73 -12.72 12.59
O3 NO3 C . 8.96 -14.91 12.75
C1 EDO D . -8.54 7.24 -15.93
O1 EDO D . -8.54 8.36 -16.82
C2 EDO D . -9.98 6.81 -15.67
O2 EDO D . -10.56 6.25 -16.84
H11 EDO D . -7.99 6.41 -16.38
H12 EDO D . -8.06 7.51 -15.00
HO1 EDO D . -7.62 8.67 -16.94
H21 EDO D . -9.99 6.07 -14.85
H22 EDO D . -10.57 7.67 -15.34
HO2 EDO D . -11.46 5.98 -16.66
C1 EDO E . -18.29 4.56 -11.14
O1 EDO E . -18.57 3.39 -10.37
C2 EDO E . -16.79 4.78 -11.21
O2 EDO E . -16.52 6.12 -11.64
H11 EDO E . -18.77 5.43 -10.69
H12 EDO E . -18.69 4.43 -12.15
HO1 EDO E . -19.52 3.31 -10.22
H21 EDO E . -16.34 4.62 -10.23
H22 EDO E . -16.33 4.07 -11.91
HO2 EDO E . -15.62 6.36 -11.40
N NO3 F . -15.59 10.41 10.45
O1 NO3 F . -15.17 9.24 10.68
O2 NO3 F . -16.81 10.62 10.18
O3 NO3 F . -14.78 11.38 10.48
C1 EDO G . -19.92 11.63 6.74
O1 EDO G . -19.16 12.69 6.15
C2 EDO G . -19.26 11.22 8.05
O2 EDO G . -17.86 11.02 7.82
H11 EDO G . -20.95 11.97 6.93
H12 EDO G . -19.97 10.77 6.06
HO1 EDO G . -19.60 12.99 5.34
H21 EDO G . -19.41 12.00 8.80
H22 EDO G . -19.71 10.29 8.42
HO2 EDO G . -17.41 10.89 8.67
C1 EDO H . -6.99 -12.24 9.01
O1 EDO H . -7.66 -11.10 9.58
C2 EDO H . -5.61 -12.40 9.63
O2 EDO H . -5.73 -12.58 11.05
H11 EDO H . -6.91 -12.10 7.93
H12 EDO H . -7.58 -13.13 9.19
HO1 EDO H . -8.55 -11.04 9.22
H21 EDO H . -5.00 -11.52 9.42
H22 EDO H . -5.11 -13.26 9.18
HO2 EDO H . -4.85 -12.62 11.43
C1 EDO I . -0.46 -6.97 16.24
O1 EDO I . -0.03 -8.31 15.96
C2 EDO I . -1.71 -6.98 17.12
O2 EDO I . -2.68 -7.87 16.56
H11 EDO I . 0.33 -6.42 16.76
H12 EDO I . -0.68 -6.45 15.31
HO1 EDO I . 0.92 -8.38 16.12
H21 EDO I . -1.44 -7.31 18.13
H22 EDO I . -2.13 -5.98 17.19
HO2 EDO I . -3.45 -7.91 17.14
C1 EDO J . 6.21 3.91 14.13
O1 EDO J . 6.69 2.57 14.17
C2 EDO J . 7.38 4.87 14.20
O2 EDO J . 8.31 4.55 13.15
H11 EDO J . 5.65 4.07 13.20
H12 EDO J . 5.52 4.10 14.96
HO1 EDO J . 5.96 1.95 14.14
H21 EDO J . 7.88 4.80 15.16
H22 EDO J . 7.04 5.90 14.08
HO2 EDO J . 9.05 5.16 13.17
C1 EDO K . 4.35 -17.64 14.56
O1 EDO K . 5.18 -16.49 14.73
C2 EDO K . 3.11 -17.44 15.41
O2 EDO K . 2.91 -18.57 16.25
H11 EDO K . 4.88 -18.54 14.87
H12 EDO K . 4.07 -17.76 13.51
HO1 EDO K . 5.99 -16.59 14.21
H21 EDO K . 3.21 -16.54 16.01
H22 EDO K . 2.23 -17.31 14.76
HO2 EDO K . 2.03 -18.52 16.67
C1 EDO L . -5.63 -15.12 -7.00
O1 EDO L . -7.05 -14.94 -6.98
C2 EDO L . -5.03 -15.30 -8.41
O2 EDO L . -4.97 -14.10 -9.19
H11 EDO L . -5.38 -16.00 -6.40
H12 EDO L . -5.16 -14.25 -6.53
HO1 EDO L . -7.37 -14.97 -6.06
H21 EDO L . -5.64 -16.04 -8.94
H22 EDO L . -4.04 -15.71 -8.30
HO2 EDO L . -4.59 -14.32 -10.06
C1 EDO M . -19.23 -8.12 -1.58
O1 EDO M . -19.59 -6.81 -1.15
C2 EDO M . -18.58 -8.97 -0.49
O2 EDO M . -18.77 -8.41 0.80
H11 EDO M . -20.14 -8.64 -1.92
H12 EDO M . -18.55 -8.05 -2.43
HO1 EDO M . -19.89 -6.29 -1.91
H21 EDO M . -18.99 -9.98 -0.52
H22 EDO M . -17.50 -9.03 -0.70
HO2 EDO M . -18.21 -8.88 1.44
C1 EDO N . -13.47 -9.83 -14.70
O1 EDO N . -12.49 -10.05 -15.72
C2 EDO N . -14.85 -9.76 -15.34
O2 EDO N . -14.89 -8.65 -16.25
H11 EDO N . -13.44 -10.65 -13.97
H12 EDO N . -13.27 -8.90 -14.17
HO1 EDO N . -11.61 -10.01 -15.32
H21 EDO N . -15.05 -10.69 -15.89
H22 EDO N . -15.62 -9.65 -14.57
HO2 EDO N . -15.76 -8.61 -16.66
C1 EDO O . 12.77 10.27 -10.78
O1 EDO O . 13.14 10.96 -11.98
C2 EDO O . 11.35 10.64 -10.36
O2 EDO O . 10.40 9.89 -11.13
H11 EDO O . 13.47 10.52 -9.99
H12 EDO O . 12.84 9.20 -10.95
HO1 EDO O . 14.02 10.68 -12.26
H21 EDO O . 11.20 11.70 -10.51
H22 EDO O . 11.23 10.42 -9.30
HO2 EDO O . 9.51 10.12 -10.85
CA CA P . 1.37 -8.93 -16.24
CA CA Q . -2.40 8.22 5.56
#